data_5ZNF
#
_entry.id   5ZNF
#
_cell.length_a   1.000
_cell.length_b   1.000
_cell.length_c   1.000
_cell.angle_alpha   90.00
_cell.angle_beta   90.00
_cell.angle_gamma   90.00
#
_symmetry.space_group_name_H-M   'P 1'
#
loop_
_entity.id
_entity.type
_entity.pdbx_description
1 polymer 'ZINC FINGER'
2 non-polymer 'ZINC ION'
#
_entity_poly.entity_id   1
_entity_poly.type   'polypeptide(L)'
_entity_poly.pdbx_seq_one_letter_code
;KTYQCQYCEYRSADSSNLKTHIKTKHSKEK
;
_entity_poly.pdbx_strand_id   A
#
loop_
_chem_comp.id
_chem_comp.type
_chem_comp.name
_chem_comp.formula
ZN non-polymer 'ZINC ION' 'Zn 2'
#
# COMPACT_ATOMS: atom_id res chain seq x y z
N LYS A 1 14.92 2.02 4.01
CA LYS A 1 14.05 0.93 4.55
C LYS A 1 12.59 1.41 4.43
N THR A 2 12.22 1.64 3.21
CA THR A 2 10.82 2.10 2.91
C THR A 2 10.26 1.22 1.79
N TYR A 3 8.96 1.12 1.73
CA TYR A 3 8.29 0.28 0.68
C TYR A 3 7.36 1.23 -0.06
N GLN A 4 7.13 0.97 -1.33
CA GLN A 4 6.22 1.85 -2.12
C GLN A 4 5.10 1.06 -2.78
N CYS A 5 4.04 1.77 -3.08
CA CYS A 5 2.85 1.16 -3.73
C CYS A 5 2.99 1.30 -5.25
N GLN A 6 2.64 0.27 -5.98
CA GLN A 6 2.75 0.35 -7.47
C GLN A 6 1.39 0.41 -8.19
N TYR A 7 0.58 1.26 -7.62
CA TYR A 7 -0.80 1.54 -8.11
C TYR A 7 -0.91 3.07 -8.16
N CYS A 8 -0.63 3.63 -7.02
CA CYS A 8 -0.65 5.11 -6.80
C CYS A 8 0.74 5.51 -6.30
N GLU A 9 0.81 6.52 -5.48
CA GLU A 9 2.15 6.95 -4.96
C GLU A 9 2.25 7.07 -3.43
N TYR A 10 1.73 6.09 -2.70
CA TYR A 10 1.81 6.15 -1.20
C TYR A 10 2.98 5.23 -0.77
N ARG A 11 3.71 5.64 0.26
CA ARG A 11 4.86 4.83 0.78
C ARG A 11 4.65 4.47 2.26
N SER A 12 5.37 3.47 2.71
CA SER A 12 5.26 3.01 4.15
C SER A 12 6.63 2.79 4.82
N ALA A 13 6.55 2.61 6.12
CA ALA A 13 7.75 2.39 6.98
C ALA A 13 7.76 0.90 7.35
N ASP A 14 6.57 0.39 7.54
CA ASP A 14 6.37 -1.04 7.89
C ASP A 14 5.49 -1.67 6.80
N SER A 15 6.06 -2.58 6.04
CA SER A 15 5.35 -3.29 4.93
C SER A 15 3.85 -3.57 5.19
N SER A 16 3.51 -3.94 6.40
CA SER A 16 2.07 -4.22 6.70
C SER A 16 1.22 -2.99 6.38
N ASN A 17 1.70 -1.84 6.80
CA ASN A 17 1.00 -0.55 6.56
C ASN A 17 0.68 -0.50 5.06
N LEU A 18 1.71 -0.67 4.28
CA LEU A 18 1.57 -0.65 2.79
C LEU A 18 0.49 -1.65 2.34
N LYS A 19 0.66 -2.90 2.71
CA LYS A 19 -0.33 -3.98 2.35
C LYS A 19 -1.76 -3.46 2.63
N THR A 20 -1.98 -3.04 3.85
CA THR A 20 -3.31 -2.50 4.27
C THR A 20 -3.71 -1.38 3.30
N HIS A 21 -2.85 -0.40 3.12
CA HIS A 21 -3.16 0.74 2.18
C HIS A 21 -3.74 0.18 0.86
N ILE A 22 -3.00 -0.65 0.17
CA ILE A 22 -3.51 -1.23 -1.11
C ILE A 22 -4.85 -1.96 -0.88
N LYS A 23 -4.95 -2.69 0.21
CA LYS A 23 -6.19 -3.44 0.54
C LYS A 23 -7.43 -2.53 0.73
N THR A 24 -7.19 -1.36 1.24
CA THR A 24 -8.27 -0.35 1.50
C THR A 24 -8.37 0.76 0.43
N LYS A 25 -7.39 0.84 -0.43
CA LYS A 25 -7.34 1.87 -1.52
C LYS A 25 -7.48 1.31 -2.92
N HIS A 26 -6.90 0.18 -3.19
CA HIS A 26 -7.00 -0.40 -4.55
C HIS A 26 -7.74 -1.74 -4.45
N SER A 27 -7.01 -2.81 -4.19
CA SER A 27 -7.54 -4.21 -4.04
C SER A 27 -9.04 -4.36 -3.76
N LYS A 28 -9.81 -4.11 -4.79
CA LYS A 28 -11.31 -4.18 -4.78
C LYS A 28 -12.03 -4.11 -3.40
N GLU A 29 -12.53 -2.93 -3.10
CA GLU A 29 -13.26 -2.70 -1.80
C GLU A 29 -14.76 -2.74 -2.17
N LYS A 30 -15.04 -2.17 -3.31
CA LYS A 30 -16.42 -2.06 -3.90
C LYS A 30 -17.60 -2.45 -3.00
ZN ZN B . -1.67 2.99 -3.36
N LYS A 1 13.56 -1.77 6.08
CA LYS A 1 13.33 -1.60 4.62
C LYS A 1 12.18 -0.62 4.34
N THR A 2 12.06 -0.23 3.10
CA THR A 2 11.00 0.73 2.66
C THR A 2 10.06 -0.05 1.74
N TYR A 3 8.80 0.28 1.78
CA TYR A 3 7.81 -0.43 0.93
C TYR A 3 7.11 0.64 0.12
N GLN A 4 7.10 0.41 -1.16
CA GLN A 4 6.47 1.35 -2.13
C GLN A 4 5.29 0.68 -2.85
N CYS A 5 4.28 1.49 -3.12
CA CYS A 5 3.06 0.99 -3.82
C CYS A 5 3.25 1.24 -5.32
N GLN A 6 2.57 0.46 -6.12
CA GLN A 6 2.70 0.62 -7.61
C GLN A 6 1.36 0.99 -8.28
N TYR A 7 0.51 1.64 -7.54
CA TYR A 7 -0.81 2.04 -8.11
C TYR A 7 -0.99 3.57 -7.99
N CYS A 8 -0.72 4.07 -6.80
CA CYS A 8 -0.85 5.53 -6.51
C CYS A 8 0.56 6.09 -6.18
N GLU A 9 0.59 7.20 -5.50
CA GLU A 9 1.90 7.84 -5.12
C GLU A 9 2.18 7.75 -3.59
N TYR A 10 1.85 6.64 -2.98
CA TYR A 10 2.11 6.49 -1.50
C TYR A 10 3.15 5.41 -1.12
N ARG A 11 3.75 5.60 0.03
CA ARG A 11 4.79 4.65 0.57
C ARG A 11 4.67 4.53 2.12
N SER A 12 5.26 3.49 2.62
CA SER A 12 5.27 3.19 4.09
C SER A 12 6.67 2.65 4.47
N ALA A 13 7.01 2.67 5.74
CA ALA A 13 8.36 2.17 6.18
C ALA A 13 8.15 1.05 7.21
N ASP A 14 7.09 0.29 7.03
CA ASP A 14 6.75 -0.83 7.95
C ASP A 14 6.47 -2.16 7.24
N SER A 15 5.48 -2.13 6.37
CA SER A 15 4.99 -3.29 5.54
C SER A 15 3.49 -3.48 5.81
N SER A 16 3.08 -3.67 7.05
CA SER A 16 1.61 -3.86 7.36
C SER A 16 0.95 -2.63 6.74
N ASN A 17 1.49 -1.51 7.12
CA ASN A 17 1.04 -0.17 6.65
C ASN A 17 0.66 -0.19 5.16
N LEU A 18 1.58 -0.72 4.40
CA LEU A 18 1.38 -0.81 2.92
C LEU A 18 0.40 -1.94 2.52
N LYS A 19 0.54 -3.12 3.06
CA LYS A 19 -0.38 -4.24 2.70
C LYS A 19 -1.83 -3.71 2.82
N THR A 20 -2.08 -3.10 3.95
CA THR A 20 -3.42 -2.52 4.23
C THR A 20 -3.70 -1.46 3.17
N HIS A 21 -2.89 -0.45 3.13
CA HIS A 21 -3.05 0.65 2.13
C HIS A 21 -3.56 0.10 0.76
N ILE A 22 -2.89 -0.90 0.22
CA ILE A 22 -3.31 -1.50 -1.08
C ILE A 22 -4.64 -2.27 -0.98
N LYS A 23 -4.77 -3.13 0.01
CA LYS A 23 -6.04 -3.91 0.15
C LYS A 23 -7.24 -3.04 0.53
N THR A 24 -7.01 -1.80 0.87
CA THR A 24 -8.15 -0.91 1.25
C THR A 24 -8.46 0.21 0.24
N LYS A 25 -7.44 0.68 -0.44
CA LYS A 25 -7.59 1.78 -1.46
C LYS A 25 -7.51 1.32 -2.92
N HIS A 26 -6.97 0.16 -3.20
CA HIS A 26 -6.89 -0.30 -4.64
C HIS A 26 -7.74 -1.52 -4.96
N SER A 27 -7.67 -2.52 -4.10
CA SER A 27 -8.44 -3.80 -4.27
C SER A 27 -8.74 -4.20 -5.74
N LYS A 28 -7.69 -4.59 -6.42
CA LYS A 28 -7.71 -5.03 -7.87
C LYS A 28 -9.03 -4.82 -8.68
N GLU A 29 -9.47 -3.58 -8.71
CA GLU A 29 -10.71 -3.12 -9.45
C GLU A 29 -11.98 -3.18 -8.59
N LYS A 30 -12.38 -4.39 -8.27
CA LYS A 30 -13.60 -4.63 -7.44
C LYS A 30 -13.23 -5.45 -6.22
ZN ZN B . -1.36 2.93 -3.24
N LYS A 1 14.78 0.94 0.71
CA LYS A 1 14.75 1.48 2.10
C LYS A 1 13.32 1.41 2.64
N THR A 2 12.39 1.85 1.83
CA THR A 2 10.93 1.86 2.20
C THR A 2 10.17 0.96 1.20
N TYR A 3 8.88 0.85 1.42
CA TYR A 3 8.04 0.02 0.52
C TYR A 3 7.14 0.99 -0.21
N GLN A 4 7.17 0.84 -1.50
CA GLN A 4 6.37 1.70 -2.41
C GLN A 4 5.19 0.92 -2.97
N CYS A 5 4.09 1.62 -3.06
CA CYS A 5 2.85 1.03 -3.60
C CYS A 5 3.00 1.15 -5.12
N GLN A 6 2.53 0.15 -5.83
CA GLN A 6 2.65 0.18 -7.32
C GLN A 6 1.26 0.36 -7.94
N TYR A 7 0.59 1.33 -7.40
CA TYR A 7 -0.80 1.69 -7.83
C TYR A 7 -0.95 3.22 -7.89
N CYS A 8 -0.53 3.87 -6.82
CA CYS A 8 -0.60 5.37 -6.70
C CYS A 8 0.79 5.87 -6.25
N GLU A 9 0.83 6.92 -5.46
CA GLU A 9 2.16 7.47 -4.98
C GLU A 9 2.33 7.50 -3.45
N TYR A 10 1.95 6.42 -2.82
CA TYR A 10 2.07 6.30 -1.33
C TYR A 10 3.15 5.24 -0.99
N ARG A 11 3.74 5.41 0.16
CA ARG A 11 4.80 4.48 0.64
C ARG A 11 4.77 4.40 2.18
N SER A 12 5.32 3.33 2.70
CA SER A 12 5.36 3.11 4.19
C SER A 12 6.77 2.68 4.65
N ALA A 13 6.92 2.56 5.95
CA ALA A 13 8.22 2.15 6.56
C ALA A 13 8.21 0.74 7.20
N ASP A 14 7.07 0.30 7.69
CA ASP A 14 6.98 -1.06 8.33
C ASP A 14 6.68 -2.15 7.30
N SER A 15 5.64 -1.93 6.54
CA SER A 15 5.12 -2.83 5.45
C SER A 15 3.62 -3.09 5.65
N SER A 16 3.21 -3.46 6.83
CA SER A 16 1.74 -3.74 7.09
C SER A 16 0.91 -2.58 6.53
N ASN A 17 1.28 -1.41 6.97
CA ASN A 17 0.60 -0.15 6.53
C ASN A 17 0.43 -0.10 5.00
N LEU A 18 1.40 -0.64 4.29
CA LEU A 18 1.36 -0.65 2.78
C LEU A 18 0.47 -1.83 2.31
N LYS A 19 0.68 -3.01 2.87
CA LYS A 19 -0.13 -4.22 2.48
C LYS A 19 -1.61 -3.78 2.57
N THR A 20 -1.96 -3.22 3.70
CA THR A 20 -3.35 -2.75 3.92
C THR A 20 -3.63 -1.61 2.93
N HIS A 21 -2.80 -0.57 2.91
CA HIS A 21 -3.00 0.58 1.96
C HIS A 21 -3.59 0.06 0.64
N ILE A 22 -2.81 -0.79 0.00
CA ILE A 22 -3.21 -1.40 -1.29
C ILE A 22 -4.59 -2.08 -1.18
N LYS A 23 -4.74 -3.02 -0.28
CA LYS A 23 -6.07 -3.70 -0.15
C LYS A 23 -7.31 -2.84 0.19
N THR A 24 -7.19 -1.80 1.00
CA THR A 24 -8.40 -0.96 1.35
C THR A 24 -8.66 0.25 0.44
N LYS A 25 -7.63 0.73 -0.20
CA LYS A 25 -7.76 1.92 -1.11
C LYS A 25 -7.88 1.51 -2.58
N HIS A 26 -7.19 0.47 -2.98
CA HIS A 26 -7.27 0.05 -4.41
C HIS A 26 -8.25 -1.12 -4.61
N SER A 27 -8.13 -2.20 -3.86
CA SER A 27 -9.09 -3.35 -4.06
C SER A 27 -10.13 -3.44 -2.91
N LYS A 28 -10.88 -4.52 -2.89
CA LYS A 28 -11.96 -4.80 -1.86
C LYS A 28 -12.70 -3.52 -1.41
N GLU A 29 -12.86 -2.67 -2.40
CA GLU A 29 -13.55 -1.38 -2.21
C GLU A 29 -14.49 -1.29 -3.43
N LYS A 30 -15.43 -2.20 -3.44
CA LYS A 30 -16.45 -2.28 -4.55
C LYS A 30 -17.86 -2.04 -4.00
ZN ZN B . -1.56 3.10 -3.46
N LYS A 1 14.66 -0.70 5.85
CA LYS A 1 14.45 -0.32 4.42
C LYS A 1 12.98 0.17 4.29
N THR A 2 12.64 0.69 3.13
CA THR A 2 11.26 1.19 2.87
C THR A 2 10.64 0.45 1.68
N TYR A 3 9.32 0.49 1.62
CA TYR A 3 8.57 -0.20 0.52
C TYR A 3 7.62 0.86 -0.05
N GLN A 4 7.43 0.86 -1.35
CA GLN A 4 6.51 1.87 -1.98
C GLN A 4 5.37 1.14 -2.70
N CYS A 5 4.31 1.86 -2.95
CA CYS A 5 3.11 1.27 -3.65
C CYS A 5 3.30 1.14 -5.17
N GLN A 6 2.65 0.13 -5.71
CA GLN A 6 2.72 -0.15 -7.19
C GLN A 6 1.33 0.00 -7.78
N TYR A 7 0.76 1.10 -7.40
CA TYR A 7 -0.61 1.49 -7.84
C TYR A 7 -0.66 3.02 -7.94
N CYS A 8 -0.34 3.63 -6.82
CA CYS A 8 -0.36 5.13 -6.73
C CYS A 8 0.91 5.79 -6.09
N GLU A 9 0.66 6.86 -5.36
CA GLU A 9 1.69 7.71 -4.65
C GLU A 9 1.99 7.42 -3.15
N TYR A 10 1.31 6.49 -2.52
CA TYR A 10 1.60 6.24 -1.05
C TYR A 10 2.85 5.34 -0.85
N ARG A 11 3.39 5.42 0.34
CA ARG A 11 4.61 4.62 0.72
C ARG A 11 4.60 4.33 2.24
N SER A 12 5.28 3.30 2.66
CA SER A 12 5.32 2.95 4.12
C SER A 12 6.73 2.50 4.51
N ALA A 13 7.03 2.71 5.77
CA ALA A 13 8.36 2.32 6.30
C ALA A 13 8.02 1.28 7.39
N ASP A 14 7.07 0.43 7.03
CA ASP A 14 6.59 -0.66 7.94
C ASP A 14 6.50 -1.96 7.13
N SER A 15 5.67 -1.92 6.12
CA SER A 15 5.36 -3.03 5.14
C SER A 15 3.90 -3.48 5.30
N SER A 16 3.51 -3.72 6.53
CA SER A 16 2.13 -4.17 6.83
C SER A 16 1.21 -3.01 6.48
N ASN A 17 1.67 -1.84 6.86
CA ASN A 17 0.89 -0.60 6.57
C ASN A 17 0.63 -0.49 5.06
N LEU A 18 1.64 -0.80 4.28
CA LEU A 18 1.48 -0.73 2.78
C LEU A 18 0.41 -1.75 2.33
N LYS A 19 0.56 -2.97 2.77
CA LYS A 19 -0.41 -4.06 2.40
C LYS A 19 -1.84 -3.52 2.61
N THR A 20 -2.08 -3.02 3.80
CA THR A 20 -3.42 -2.45 4.16
C THR A 20 -3.80 -1.36 3.16
N HIS A 21 -2.95 -0.36 3.03
CA HIS A 21 -3.21 0.77 2.08
C HIS A 21 -3.83 0.18 0.79
N ILE A 22 -3.09 -0.72 0.18
CA ILE A 22 -3.55 -1.39 -1.04
C ILE A 22 -4.94 -2.01 -0.87
N LYS A 23 -5.10 -2.92 0.05
CA LYS A 23 -6.46 -3.55 0.25
C LYS A 23 -7.63 -2.56 0.35
N THR A 24 -7.46 -1.50 1.09
CA THR A 24 -8.56 -0.49 1.26
C THR A 24 -8.65 0.62 0.20
N LYS A 25 -7.58 0.86 -0.51
CA LYS A 25 -7.56 1.93 -1.57
C LYS A 25 -7.61 1.45 -3.03
N HIS A 26 -7.09 0.29 -3.30
CA HIS A 26 -7.10 -0.25 -4.70
C HIS A 26 -8.08 -1.42 -4.69
N SER A 27 -9.27 -1.00 -4.32
CA SER A 27 -10.46 -1.91 -4.19
C SER A 27 -11.61 -1.45 -5.12
N LYS A 28 -12.25 -0.36 -4.79
CA LYS A 28 -13.39 0.25 -5.55
C LYS A 28 -14.70 -0.42 -5.09
N GLU A 29 -14.70 -1.74 -5.17
CA GLU A 29 -15.88 -2.55 -4.75
C GLU A 29 -15.45 -3.43 -3.57
N LYS A 30 -16.44 -4.00 -2.92
CA LYS A 30 -16.18 -4.89 -1.74
C LYS A 30 -16.87 -6.25 -1.91
ZN ZN B . -1.60 2.95 -3.57
N LYS A 1 13.84 -1.53 4.87
CA LYS A 1 14.13 -0.06 4.90
C LYS A 1 12.85 0.72 4.56
N THR A 2 12.49 0.82 3.31
CA THR A 2 11.24 1.57 2.89
C THR A 2 10.59 0.88 1.68
N TYR A 3 9.29 0.96 1.57
CA TYR A 3 8.58 0.31 0.42
C TYR A 3 7.64 1.33 -0.21
N GLN A 4 7.46 1.15 -1.50
CA GLN A 4 6.58 2.03 -2.31
C GLN A 4 5.36 1.25 -2.83
N CYS A 5 4.29 1.96 -3.09
CA CYS A 5 3.06 1.28 -3.61
C CYS A 5 3.26 1.02 -5.12
N GLN A 6 2.34 0.28 -5.69
CA GLN A 6 2.44 -0.05 -7.16
C GLN A 6 1.19 0.35 -7.95
N TYR A 7 0.36 1.17 -7.35
CA TYR A 7 -0.91 1.63 -8.01
C TYR A 7 -0.94 3.17 -7.95
N CYS A 8 -0.93 3.69 -6.75
CA CYS A 8 -0.93 5.18 -6.57
C CYS A 8 0.48 5.57 -6.10
N GLU A 9 0.57 6.71 -5.47
CA GLU A 9 1.89 7.21 -4.96
C GLU A 9 2.05 7.27 -3.42
N TYR A 10 1.75 6.17 -2.76
CA TYR A 10 1.88 6.08 -1.26
C TYR A 10 3.10 5.20 -0.90
N ARG A 11 3.50 5.28 0.34
CA ARG A 11 4.66 4.48 0.83
C ARG A 11 4.58 4.31 2.35
N SER A 12 5.28 3.30 2.80
CA SER A 12 5.31 3.00 4.26
C SER A 12 6.71 2.53 4.68
N ALA A 13 6.95 2.60 5.96
CA ALA A 13 8.27 2.17 6.52
C ALA A 13 7.94 1.08 7.56
N ASP A 14 6.99 0.27 7.14
CA ASP A 14 6.48 -0.87 7.96
C ASP A 14 6.39 -2.14 7.11
N SER A 15 5.51 -2.05 6.12
CA SER A 15 5.16 -3.11 5.11
C SER A 15 3.73 -3.56 5.40
N SER A 16 3.41 -3.80 6.65
CA SER A 16 2.03 -4.25 7.05
C SER A 16 1.03 -3.09 7.01
N ASN A 17 1.55 -1.91 6.76
CA ASN A 17 0.69 -0.70 6.70
C ASN A 17 0.51 -0.50 5.18
N LEU A 18 1.57 -0.78 4.44
CA LEU A 18 1.50 -0.63 2.95
C LEU A 18 0.45 -1.64 2.45
N LYS A 19 0.55 -2.87 2.91
CA LYS A 19 -0.45 -3.90 2.47
C LYS A 19 -1.85 -3.36 2.71
N THR A 20 -2.12 -2.95 3.93
CA THR A 20 -3.47 -2.39 4.25
C THR A 20 -3.80 -1.31 3.21
N HIS A 21 -2.90 -0.37 3.02
CA HIS A 21 -3.14 0.72 2.03
C HIS A 21 -3.64 0.09 0.69
N ILE A 22 -2.85 -0.74 0.07
CA ILE A 22 -3.27 -1.40 -1.22
C ILE A 22 -4.64 -2.06 -1.07
N LYS A 23 -4.81 -2.77 0.01
CA LYS A 23 -6.08 -3.47 0.32
C LYS A 23 -7.33 -2.58 0.30
N THR A 24 -7.28 -1.49 1.01
CA THR A 24 -8.45 -0.55 1.08
C THR A 24 -8.52 0.55 0.00
N LYS A 25 -7.38 0.95 -0.50
CA LYS A 25 -7.29 2.02 -1.55
C LYS A 25 -7.26 1.50 -2.98
N HIS A 26 -6.86 0.27 -3.21
CA HIS A 26 -6.82 -0.22 -4.63
C HIS A 26 -7.60 -1.47 -4.99
N SER A 27 -7.40 -2.53 -4.26
CA SER A 27 -8.14 -3.79 -4.58
C SER A 27 -9.46 -3.94 -3.80
N LYS A 28 -10.03 -2.79 -3.52
CA LYS A 28 -11.33 -2.71 -2.79
C LYS A 28 -12.12 -1.57 -3.44
N GLU A 29 -11.55 -0.39 -3.40
CA GLU A 29 -12.19 0.82 -3.99
C GLU A 29 -11.24 1.51 -5.00
N LYS A 30 -11.69 2.64 -5.52
CA LYS A 30 -10.90 3.47 -6.52
C LYS A 30 -10.00 2.61 -7.43
ZN ZN B . -1.44 3.16 -3.39
N LYS A 1 14.44 -0.13 5.22
CA LYS A 1 13.30 -1.09 5.28
C LYS A 1 12.01 -0.35 4.83
N THR A 2 12.10 0.30 3.69
CA THR A 2 10.92 1.06 3.13
C THR A 2 10.51 0.46 1.78
N TYR A 3 9.21 0.41 1.58
CA TYR A 3 8.62 -0.14 0.31
C TYR A 3 7.64 0.93 -0.21
N GLN A 4 7.32 0.87 -1.48
CA GLN A 4 6.39 1.84 -2.14
C GLN A 4 5.18 1.12 -2.80
N CYS A 5 4.14 1.89 -3.07
CA CYS A 5 2.89 1.35 -3.70
C CYS A 5 3.02 1.46 -5.23
N GLN A 6 2.36 0.58 -5.95
CA GLN A 6 2.44 0.59 -7.44
C GLN A 6 1.10 0.89 -8.14
N TYR A 7 0.23 1.54 -7.41
CA TYR A 7 -1.12 1.91 -7.95
C TYR A 7 -1.12 3.43 -8.08
N CYS A 8 -0.92 4.01 -6.93
CA CYS A 8 -0.87 5.48 -6.76
C CYS A 8 0.56 5.79 -6.30
N GLU A 9 0.71 6.76 -5.42
CA GLU A 9 2.08 7.11 -4.92
C GLU A 9 2.20 7.28 -3.39
N TYR A 10 2.02 6.18 -2.69
CA TYR A 10 2.12 6.18 -1.20
C TYR A 10 3.25 5.22 -0.78
N ARG A 11 3.87 5.49 0.34
CA ARG A 11 4.99 4.60 0.82
C ARG A 11 4.91 4.36 2.31
N SER A 12 5.57 3.31 2.72
CA SER A 12 5.60 2.93 4.16
C SER A 12 6.92 2.23 4.52
N ALA A 13 7.29 2.37 5.76
CA ALA A 13 8.55 1.75 6.29
C ALA A 13 8.14 0.90 7.50
N ASP A 14 7.04 0.23 7.28
CA ASP A 14 6.43 -0.65 8.30
C ASP A 14 6.18 -2.06 7.73
N SER A 15 5.47 -2.06 6.63
CA SER A 15 5.05 -3.25 5.81
C SER A 15 3.54 -3.39 5.89
N SER A 16 3.02 -3.51 7.09
CA SER A 16 1.54 -3.63 7.24
C SER A 16 0.88 -2.36 6.72
N ASN A 17 1.49 -1.24 7.03
CA ASN A 17 0.95 0.09 6.58
C ASN A 17 0.71 0.06 5.06
N LEU A 18 1.57 -0.60 4.31
CA LEU A 18 1.34 -0.64 2.83
C LEU A 18 0.37 -1.75 2.44
N LYS A 19 0.54 -2.95 2.96
CA LYS A 19 -0.39 -4.07 2.61
C LYS A 19 -1.83 -3.56 2.75
N THR A 20 -2.11 -2.88 3.83
CA THR A 20 -3.49 -2.34 4.07
C THR A 20 -3.80 -1.40 2.89
N HIS A 21 -3.06 -0.32 2.82
CA HIS A 21 -3.22 0.70 1.74
C HIS A 21 -3.65 0.03 0.40
N ILE A 22 -2.89 -0.95 -0.01
CA ILE A 22 -3.15 -1.73 -1.25
C ILE A 22 -4.48 -2.52 -1.24
N LYS A 23 -4.76 -3.25 -0.19
CA LYS A 23 -6.04 -4.04 -0.11
C LYS A 23 -7.27 -3.23 0.31
N THR A 24 -7.04 -2.01 0.74
CA THR A 24 -8.13 -1.11 1.19
C THR A 24 -8.49 0.09 0.32
N LYS A 25 -7.55 0.61 -0.41
CA LYS A 25 -7.81 1.78 -1.30
C LYS A 25 -7.72 1.42 -2.78
N HIS A 26 -7.14 0.28 -3.08
CA HIS A 26 -7.02 -0.13 -4.50
C HIS A 26 -7.83 -1.39 -4.74
N SER A 27 -7.41 -2.44 -4.08
CA SER A 27 -8.06 -3.80 -4.16
C SER A 27 -8.45 -4.14 -5.61
N LYS A 28 -7.47 -4.23 -6.47
CA LYS A 28 -7.71 -4.56 -7.91
C LYS A 28 -7.10 -5.89 -8.39
N GLU A 29 -7.94 -6.66 -9.02
CA GLU A 29 -7.59 -7.99 -9.59
C GLU A 29 -8.13 -7.98 -11.04
N LYS A 30 -9.36 -7.53 -11.17
CA LYS A 30 -10.06 -7.44 -12.49
C LYS A 30 -10.57 -5.99 -12.62
ZN ZN B . -1.59 3.36 -3.45
N LYS A 1 12.82 -0.98 5.39
CA LYS A 1 12.13 0.33 5.65
C LYS A 1 11.79 0.96 4.30
N THR A 2 11.01 2.01 4.35
CA THR A 2 10.56 2.78 3.14
C THR A 2 10.36 1.94 1.86
N TYR A 3 9.15 1.45 1.77
CA TYR A 3 8.68 0.60 0.64
C TYR A 3 7.56 1.42 -0.02
N GLN A 4 7.40 1.31 -1.32
CA GLN A 4 6.33 2.10 -2.03
C GLN A 4 5.26 1.15 -2.61
N CYS A 5 4.07 1.67 -2.75
CA CYS A 5 2.89 0.91 -3.30
C CYS A 5 3.02 0.79 -4.83
N GLN A 6 2.15 0.07 -5.49
CA GLN A 6 2.28 -0.05 -6.99
C GLN A 6 0.97 0.24 -7.72
N TYR A 7 0.22 1.13 -7.15
CA TYR A 7 -1.10 1.55 -7.71
C TYR A 7 -1.06 3.08 -7.80
N CYS A 8 -0.65 3.68 -6.72
CA CYS A 8 -0.54 5.17 -6.60
C CYS A 8 0.87 5.47 -6.11
N GLU A 9 1.07 6.68 -5.67
CA GLU A 9 2.42 7.08 -5.16
C GLU A 9 2.52 7.41 -3.65
N TYR A 10 2.00 6.50 -2.86
CA TYR A 10 2.00 6.61 -1.36
C TYR A 10 2.98 5.51 -0.94
N ARG A 11 3.49 5.66 0.24
CA ARG A 11 4.45 4.64 0.74
C ARG A 11 4.31 4.48 2.25
N SER A 12 4.97 3.46 2.73
CA SER A 12 4.97 3.12 4.17
C SER A 12 6.41 2.72 4.52
N ALA A 13 6.79 2.93 5.74
CA ALA A 13 8.17 2.56 6.17
C ALA A 13 8.07 1.23 6.95
N ASP A 14 6.87 0.70 6.89
CA ASP A 14 6.48 -0.57 7.54
C ASP A 14 5.94 -1.42 6.37
N SER A 15 5.84 -2.70 6.56
CA SER A 15 5.33 -3.57 5.46
C SER A 15 3.82 -3.85 5.59
N SER A 16 3.34 -4.21 6.75
CA SER A 16 1.87 -4.48 6.89
C SER A 16 1.12 -3.22 6.44
N ASN A 17 1.53 -2.12 7.02
CA ASN A 17 0.98 -0.76 6.76
C ASN A 17 0.77 -0.54 5.24
N LEU A 18 1.68 -1.09 4.49
CA LEU A 18 1.60 -0.95 3.00
C LEU A 18 0.59 -1.92 2.39
N LYS A 19 0.69 -3.19 2.72
CA LYS A 19 -0.27 -4.18 2.15
C LYS A 19 -1.70 -3.68 2.44
N THR A 20 -1.93 -3.29 3.67
CA THR A 20 -3.26 -2.77 4.10
C THR A 20 -3.62 -1.60 3.18
N HIS A 21 -2.79 -0.59 3.13
CA HIS A 21 -3.04 0.61 2.25
C HIS A 21 -3.64 0.13 0.92
N ILE A 22 -2.93 -0.74 0.25
CA ILE A 22 -3.43 -1.28 -1.05
C ILE A 22 -4.83 -1.90 -0.90
N LYS A 23 -4.98 -2.82 0.00
CA LYS A 23 -6.32 -3.49 0.21
C LYS A 23 -7.51 -2.51 0.33
N THR A 24 -7.28 -1.37 0.93
CA THR A 24 -8.40 -0.38 1.09
C THR A 24 -8.50 0.70 0.00
N LYS A 25 -7.39 1.11 -0.55
CA LYS A 25 -7.44 2.17 -1.60
C LYS A 25 -7.37 1.66 -3.05
N HIS A 26 -6.98 0.43 -3.30
CA HIS A 26 -6.91 -0.06 -4.71
C HIS A 26 -7.70 -1.36 -4.97
N SER A 27 -8.95 -1.35 -4.59
CA SER A 27 -9.83 -2.54 -4.79
C SER A 27 -10.98 -2.13 -5.71
N LYS A 28 -11.50 -3.10 -6.44
CA LYS A 28 -12.64 -2.91 -7.41
C LYS A 28 -13.39 -1.56 -7.46
N GLU A 29 -13.95 -1.16 -6.35
CA GLU A 29 -14.70 0.13 -6.28
C GLU A 29 -13.80 1.18 -5.61
N LYS A 30 -13.39 0.85 -4.41
CA LYS A 30 -12.50 1.73 -3.60
C LYS A 30 -11.28 0.93 -3.16
ZN ZN B . -1.55 3.18 -3.20
N LYS A 1 14.60 1.39 5.54
CA LYS A 1 14.17 2.45 4.58
C LYS A 1 12.68 2.29 4.24
N THR A 2 12.25 3.01 3.24
CA THR A 2 10.83 2.97 2.80
C THR A 2 10.68 2.11 1.54
N TYR A 3 9.51 1.54 1.43
CA TYR A 3 9.13 0.65 0.28
C TYR A 3 7.90 1.35 -0.27
N GLN A 4 7.72 1.32 -1.56
CA GLN A 4 6.52 2.01 -2.14
C GLN A 4 5.47 1.06 -2.73
N CYS A 5 4.35 1.66 -3.05
CA CYS A 5 3.17 0.95 -3.64
C CYS A 5 3.33 0.92 -5.17
N GLN A 6 2.49 0.16 -5.85
CA GLN A 6 2.60 0.06 -7.35
C GLN A 6 1.30 0.51 -8.03
N TYR A 7 0.56 1.36 -7.35
CA TYR A 7 -0.73 1.88 -7.91
C TYR A 7 -0.73 3.42 -7.86
N CYS A 8 -0.81 3.97 -6.67
CA CYS A 8 -0.81 5.45 -6.50
C CYS A 8 0.64 5.88 -6.24
N GLU A 9 0.84 6.87 -5.39
CA GLU A 9 2.21 7.37 -5.06
C GLU A 9 2.42 7.25 -3.53
N TYR A 10 1.91 6.21 -2.92
CA TYR A 10 2.10 6.07 -1.44
C TYR A 10 3.28 5.15 -1.11
N ARG A 11 3.79 5.38 0.07
CA ARG A 11 4.94 4.59 0.59
C ARG A 11 4.76 4.23 2.07
N SER A 12 5.32 3.10 2.41
CA SER A 12 5.25 2.58 3.82
C SER A 12 6.66 2.22 4.26
N ALA A 13 6.88 2.23 5.54
CA ALA A 13 8.23 1.90 6.11
C ALA A 13 8.03 0.68 7.04
N ASP A 14 6.81 0.59 7.51
CA ASP A 14 6.37 -0.51 8.42
C ASP A 14 5.32 -1.29 7.59
N SER A 15 5.83 -1.93 6.57
CA SER A 15 5.08 -2.79 5.59
C SER A 15 3.59 -3.12 5.81
N SER A 16 3.19 -3.44 7.02
CA SER A 16 1.75 -3.76 7.28
C SER A 16 0.82 -2.64 6.76
N ASN A 17 1.27 -1.42 6.88
CA ASN A 17 0.43 -0.27 6.40
C ASN A 17 0.59 -0.03 4.87
N LEU A 18 1.24 -0.97 4.21
CA LEU A 18 1.47 -0.89 2.72
C LEU A 18 0.48 -1.94 2.17
N LYS A 19 0.44 -3.07 2.85
CA LYS A 19 -0.49 -4.17 2.43
C LYS A 19 -1.94 -3.68 2.63
N THR A 20 -2.25 -3.28 3.85
CA THR A 20 -3.64 -2.79 4.13
C THR A 20 -3.95 -1.56 3.29
N HIS A 21 -2.92 -0.84 2.91
CA HIS A 21 -3.14 0.37 2.07
C HIS A 21 -3.72 -0.22 0.76
N ILE A 22 -2.94 -0.96 0.00
CA ILE A 22 -3.44 -1.57 -1.28
C ILE A 22 -4.83 -2.26 -1.21
N LYS A 23 -4.97 -3.10 -0.22
CA LYS A 23 -6.24 -3.87 -0.02
C LYS A 23 -7.47 -3.10 0.48
N THR A 24 -7.31 -1.85 0.79
CA THR A 24 -8.46 -1.04 1.29
C THR A 24 -8.61 0.25 0.50
N LYS A 25 -7.50 0.70 -0.01
CA LYS A 25 -7.45 1.96 -0.80
C LYS A 25 -7.49 1.74 -2.33
N HIS A 26 -7.06 0.60 -2.83
CA HIS A 26 -7.10 0.40 -4.32
C HIS A 26 -8.16 -0.64 -4.69
N SER A 27 -7.95 -1.84 -4.22
CA SER A 27 -8.85 -3.02 -4.45
C SER A 27 -10.28 -2.78 -4.99
N LYS A 28 -11.13 -2.29 -4.11
CA LYS A 28 -12.56 -1.99 -4.44
C LYS A 28 -12.90 -0.48 -4.30
N GLU A 29 -11.90 0.37 -4.27
CA GLU A 29 -12.16 1.84 -4.15
C GLU A 29 -11.52 2.68 -5.27
N LYS A 30 -10.28 2.41 -5.57
CA LYS A 30 -9.56 3.17 -6.65
C LYS A 30 -9.08 2.17 -7.73
ZN ZN B . -1.28 3.00 -3.28
N LYS A 1 13.02 -2.61 5.63
CA LYS A 1 13.20 -1.33 4.86
C LYS A 1 11.86 -0.59 4.72
N THR A 2 11.81 0.32 3.77
CA THR A 2 10.57 1.12 3.51
C THR A 2 10.03 0.54 2.20
N TYR A 3 8.77 0.77 1.92
CA TYR A 3 8.16 0.21 0.68
C TYR A 3 7.33 1.27 -0.06
N GLN A 4 7.25 1.10 -1.36
CA GLN A 4 6.48 2.04 -2.23
C GLN A 4 5.32 1.23 -2.87
N CYS A 5 4.20 1.88 -3.12
CA CYS A 5 3.02 1.19 -3.74
C CYS A 5 3.09 1.17 -5.28
N GLN A 6 2.27 0.31 -5.88
CA GLN A 6 2.24 0.17 -7.37
C GLN A 6 0.86 0.46 -8.02
N TYR A 7 0.19 1.47 -7.53
CA TYR A 7 -1.15 1.83 -8.10
C TYR A 7 -1.18 3.34 -8.18
N CYS A 8 -0.82 3.88 -7.05
CA CYS A 8 -0.73 5.35 -6.85
C CYS A 8 0.72 5.55 -6.40
N GLU A 9 0.98 6.65 -5.76
CA GLU A 9 2.37 6.92 -5.29
C GLU A 9 2.47 7.22 -3.78
N TYR A 10 2.08 6.24 -3.01
CA TYR A 10 2.11 6.35 -1.52
C TYR A 10 3.25 5.44 -1.04
N ARG A 11 3.81 5.77 0.09
CA ARG A 11 4.92 4.97 0.66
C ARG A 11 4.69 4.67 2.15
N SER A 12 5.23 3.55 2.57
CA SER A 12 5.13 3.08 3.99
C SER A 12 6.54 2.79 4.50
N ALA A 13 6.65 2.64 5.79
CA ALA A 13 7.97 2.34 6.43
C ALA A 13 7.87 1.18 7.43
N ASP A 14 6.72 0.57 7.51
CA ASP A 14 6.49 -0.58 8.45
C ASP A 14 6.35 -1.92 7.70
N SER A 15 5.43 -1.97 6.76
CA SER A 15 5.11 -3.16 5.86
C SER A 15 3.61 -3.52 5.93
N SER A 16 3.11 -3.97 7.06
CA SER A 16 1.65 -4.33 7.16
C SER A 16 0.84 -3.14 6.64
N ASN A 17 1.32 -1.99 7.03
CA ASN A 17 0.75 -0.67 6.67
C ASN A 17 0.52 -0.62 5.13
N LEU A 18 1.55 -0.90 4.37
CA LEU A 18 1.41 -0.88 2.87
C LEU A 18 0.48 -2.01 2.39
N LYS A 19 0.63 -3.20 2.93
CA LYS A 19 -0.26 -4.35 2.51
C LYS A 19 -1.70 -3.85 2.51
N THR A 20 -2.09 -3.35 3.66
CA THR A 20 -3.46 -2.81 3.86
C THR A 20 -3.66 -1.74 2.80
N HIS A 21 -2.89 -0.67 2.81
CA HIS A 21 -3.02 0.43 1.79
C HIS A 21 -3.47 -0.13 0.40
N ILE A 22 -2.68 -1.01 -0.19
CA ILE A 22 -3.05 -1.58 -1.52
C ILE A 22 -4.43 -2.26 -1.43
N LYS A 23 -4.64 -3.05 -0.40
CA LYS A 23 -5.96 -3.75 -0.23
C LYS A 23 -7.01 -2.94 0.60
N THR A 24 -6.76 -1.67 0.77
CA THR A 24 -7.68 -0.77 1.55
C THR A 24 -8.08 0.49 0.81
N LYS A 25 -7.16 0.97 0.03
CA LYS A 25 -7.34 2.21 -0.78
C LYS A 25 -7.66 1.85 -2.24
N HIS A 26 -7.11 0.75 -2.73
CA HIS A 26 -7.39 0.37 -4.16
C HIS A 26 -8.37 -0.82 -4.34
N SER A 27 -7.86 -2.03 -4.42
CA SER A 27 -8.69 -3.29 -4.62
C SER A 27 -10.18 -3.08 -5.01
N LYS A 28 -10.36 -2.42 -6.14
CA LYS A 28 -11.73 -2.12 -6.68
C LYS A 28 -11.82 -2.45 -8.19
N GLU A 29 -11.75 -3.71 -8.49
CA GLU A 29 -11.83 -4.23 -9.90
C GLU A 29 -12.95 -5.29 -9.98
N LYS A 30 -13.26 -5.73 -11.18
CA LYS A 30 -14.34 -6.76 -11.40
C LYS A 30 -13.79 -7.95 -12.18
ZN ZN B . -1.50 3.13 -3.46
N LYS A 1 12.67 -3.41 3.85
CA LYS A 1 12.69 -2.36 4.91
C LYS A 1 12.02 -1.09 4.35
N THR A 2 12.17 -0.89 3.06
CA THR A 2 11.58 0.30 2.37
C THR A 2 10.44 -0.26 1.50
N TYR A 3 9.24 0.26 1.66
CA TYR A 3 8.09 -0.24 0.84
C TYR A 3 7.25 0.92 0.29
N GLN A 4 7.27 1.02 -1.01
CA GLN A 4 6.51 2.07 -1.76
C GLN A 4 5.38 1.31 -2.46
N CYS A 5 4.30 2.01 -2.72
CA CYS A 5 3.12 1.38 -3.40
C CYS A 5 3.36 1.39 -4.91
N GLN A 6 2.72 0.47 -5.59
CA GLN A 6 2.87 0.36 -7.09
C GLN A 6 1.54 0.54 -7.83
N TYR A 7 0.72 1.44 -7.34
CA TYR A 7 -0.61 1.73 -7.97
C TYR A 7 -0.70 3.26 -8.04
N CYS A 8 -0.54 3.88 -6.89
CA CYS A 8 -0.59 5.37 -6.73
C CYS A 8 0.82 5.74 -6.20
N GLU A 9 0.92 6.82 -5.46
CA GLU A 9 2.27 7.24 -4.93
C GLU A 9 2.35 7.32 -3.38
N TYR A 10 1.86 6.30 -2.71
CA TYR A 10 1.90 6.31 -1.22
C TYR A 10 3.01 5.34 -0.76
N ARG A 11 3.67 5.71 0.31
CA ARG A 11 4.76 4.86 0.86
C ARG A 11 4.47 4.65 2.36
N SER A 12 4.99 3.56 2.87
CA SER A 12 4.80 3.19 4.32
C SER A 12 6.15 2.99 5.00
N ALA A 13 7.03 2.34 4.28
CA ALA A 13 8.41 2.05 4.80
C ALA A 13 8.25 1.27 6.12
N ASP A 14 7.19 0.49 6.16
CA ASP A 14 6.84 -0.35 7.35
C ASP A 14 6.70 -1.80 6.86
N SER A 15 5.68 -1.98 6.04
CA SER A 15 5.26 -3.27 5.37
C SER A 15 3.78 -3.62 5.64
N SER A 16 3.39 -3.79 6.87
CA SER A 16 1.96 -4.15 7.18
C SER A 16 1.09 -2.96 6.80
N ASN A 17 1.59 -1.81 7.14
CA ASN A 17 0.89 -0.52 6.86
C ASN A 17 0.63 -0.44 5.34
N LEU A 18 1.56 -1.00 4.57
CA LEU A 18 1.40 -0.98 3.09
C LEU A 18 0.35 -1.97 2.58
N LYS A 19 0.40 -3.22 2.95
CA LYS A 19 -0.68 -4.14 2.42
C LYS A 19 -2.09 -3.59 2.70
N THR A 20 -2.31 -3.05 3.89
CA THR A 20 -3.66 -2.51 4.20
C THR A 20 -3.96 -1.44 3.15
N HIS A 21 -3.07 -0.47 3.04
CA HIS A 21 -3.25 0.62 2.02
C HIS A 21 -3.76 0.00 0.69
N ILE A 22 -3.07 -1.00 0.23
CA ILE A 22 -3.46 -1.69 -1.05
C ILE A 22 -4.88 -2.28 -1.04
N LYS A 23 -5.25 -3.10 -0.08
CA LYS A 23 -6.64 -3.67 -0.09
C LYS A 23 -7.75 -2.63 0.17
N THR A 24 -7.42 -1.68 1.00
CA THR A 24 -8.36 -0.58 1.39
C THR A 24 -8.59 0.49 0.30
N LYS A 25 -7.53 0.85 -0.37
CA LYS A 25 -7.59 1.90 -1.46
C LYS A 25 -7.54 1.28 -2.86
N HIS A 26 -6.69 0.29 -3.02
CA HIS A 26 -6.55 -0.40 -4.34
C HIS A 26 -7.11 -1.83 -4.26
N SER A 27 -8.31 -1.94 -3.73
CA SER A 27 -9.01 -3.27 -3.57
C SER A 27 -8.65 -4.23 -4.72
N LYS A 28 -8.31 -5.43 -4.37
CA LYS A 28 -7.94 -6.44 -5.40
C LYS A 28 -8.72 -7.74 -5.17
N GLU A 29 -8.50 -8.37 -4.04
CA GLU A 29 -9.22 -9.65 -3.73
C GLU A 29 -10.29 -9.39 -2.65
N LYS A 30 -9.85 -8.77 -1.57
CA LYS A 30 -10.74 -8.43 -0.40
C LYS A 30 -12.06 -9.20 -0.33
ZN ZN B . -1.36 3.32 -3.24
N LYS A 1 13.26 -1.66 4.78
CA LYS A 1 13.10 -0.48 5.67
C LYS A 1 11.94 0.40 5.17
N THR A 2 12.05 0.87 3.96
CA THR A 2 10.97 1.73 3.37
C THR A 2 10.38 0.94 2.19
N TYR A 3 9.11 1.10 1.97
CA TYR A 3 8.43 0.38 0.85
C TYR A 3 7.60 1.36 0.04
N GLN A 4 7.32 0.97 -1.17
CA GLN A 4 6.50 1.82 -2.07
C GLN A 4 5.28 1.06 -2.57
N CYS A 5 4.31 1.83 -2.96
CA CYS A 5 3.04 1.27 -3.49
C CYS A 5 3.20 1.26 -5.01
N GLN A 6 2.57 0.29 -5.62
CA GLN A 6 2.64 0.14 -7.10
C GLN A 6 1.26 0.24 -7.76
N TYR A 7 0.56 1.23 -7.30
CA TYR A 7 -0.82 1.55 -7.80
C TYR A 7 -0.90 3.06 -8.00
N CYS A 8 -0.70 3.73 -6.89
CA CYS A 8 -0.73 5.22 -6.86
C CYS A 8 0.67 5.69 -6.47
N GLU A 9 0.77 6.75 -5.70
CA GLU A 9 2.09 7.29 -5.27
C GLU A 9 2.32 7.28 -3.74
N TYR A 10 1.66 6.38 -3.04
CA TYR A 10 1.82 6.28 -1.56
C TYR A 10 3.12 5.51 -1.20
N ARG A 11 3.58 5.75 0.00
CA ARG A 11 4.82 5.11 0.53
C ARG A 11 4.59 4.68 1.98
N SER A 12 5.34 3.70 2.40
CA SER A 12 5.23 3.19 3.81
C SER A 12 6.61 2.93 4.38
N ALA A 13 6.61 2.71 5.67
CA ALA A 13 7.86 2.42 6.44
C ALA A 13 7.67 1.00 6.95
N ASP A 14 6.43 0.68 7.27
CA ASP A 14 6.10 -0.68 7.78
C ASP A 14 5.40 -1.34 6.59
N SER A 15 5.73 -2.59 6.42
CA SER A 15 5.16 -3.40 5.32
C SER A 15 3.68 -3.75 5.51
N SER A 16 3.31 -4.18 6.70
CA SER A 16 1.88 -4.54 6.97
C SER A 16 0.97 -3.35 6.66
N ASN A 17 1.49 -2.19 6.95
CA ASN A 17 0.71 -0.94 6.70
C ASN A 17 0.55 -0.81 5.18
N LEU A 18 1.62 -1.01 4.45
CA LEU A 18 1.55 -0.91 2.96
C LEU A 18 0.50 -1.92 2.42
N LYS A 19 0.60 -3.17 2.83
CA LYS A 19 -0.40 -4.21 2.35
C LYS A 19 -1.80 -3.62 2.52
N THR A 20 -2.08 -3.18 3.73
CA THR A 20 -3.41 -2.57 4.03
C THR A 20 -3.69 -1.52 2.97
N HIS A 21 -2.86 -0.49 2.90
CA HIS A 21 -3.07 0.59 1.88
C HIS A 21 -3.54 -0.04 0.54
N ILE A 22 -2.78 -0.97 0.01
CA ILE A 22 -3.20 -1.61 -1.28
C ILE A 22 -4.65 -2.19 -1.20
N LYS A 23 -4.98 -2.94 -0.17
CA LYS A 23 -6.38 -3.49 -0.10
C LYS A 23 -7.36 -2.61 0.73
N THR A 24 -6.96 -1.39 0.98
CA THR A 24 -7.79 -0.41 1.75
C THR A 24 -8.13 0.79 0.84
N LYS A 25 -7.21 1.07 -0.04
CA LYS A 25 -7.30 2.17 -1.04
C LYS A 25 -7.47 1.63 -2.46
N HIS A 26 -6.86 0.50 -2.74
CA HIS A 26 -6.99 -0.07 -4.12
C HIS A 26 -7.83 -1.39 -4.18
N SER A 27 -9.07 -1.25 -3.74
CA SER A 27 -10.14 -2.34 -3.68
C SER A 27 -10.36 -2.86 -2.25
N LYS A 28 -11.44 -3.60 -2.09
CA LYS A 28 -11.78 -4.18 -0.74
C LYS A 28 -11.67 -5.71 -0.75
N GLU A 29 -11.72 -6.28 0.43
CA GLU A 29 -11.61 -7.77 0.60
C GLU A 29 -12.84 -8.50 1.16
N LYS A 30 -12.59 -9.75 1.49
CA LYS A 30 -13.64 -10.67 2.06
C LYS A 30 -13.49 -10.79 3.58
ZN ZN B . -1.51 3.26 -3.42
N LYS A 1 12.73 -1.76 5.36
CA LYS A 1 12.77 -0.41 5.98
C LYS A 1 11.54 0.38 5.46
N THR A 2 11.48 0.59 4.16
CA THR A 2 10.34 1.33 3.54
C THR A 2 9.92 0.58 2.29
N TYR A 3 8.67 0.77 1.96
CA TYR A 3 8.10 0.11 0.75
C TYR A 3 7.19 1.13 0.03
N GLN A 4 7.13 1.05 -1.29
CA GLN A 4 6.27 1.98 -2.12
C GLN A 4 5.11 1.16 -2.69
N CYS A 5 3.95 1.77 -2.79
CA CYS A 5 2.75 1.05 -3.33
C CYS A 5 2.87 0.82 -4.86
N GLN A 6 2.09 -0.12 -5.34
CA GLN A 6 2.06 -0.51 -6.79
C GLN A 6 0.79 -0.05 -7.55
N TYR A 7 0.26 1.09 -7.16
CA TYR A 7 -0.97 1.62 -7.81
C TYR A 7 -0.85 3.14 -7.91
N CYS A 8 -0.79 3.76 -6.75
CA CYS A 8 -0.67 5.24 -6.65
C CYS A 8 0.75 5.53 -6.19
N GLU A 9 0.95 6.72 -5.68
CA GLU A 9 2.31 7.10 -5.21
C GLU A 9 2.43 7.36 -3.68
N TYR A 10 2.01 6.38 -2.91
CA TYR A 10 2.07 6.44 -1.41
C TYR A 10 3.18 5.47 -0.93
N ARG A 11 3.77 5.78 0.20
CA ARG A 11 4.86 4.91 0.77
C ARG A 11 4.70 4.74 2.28
N SER A 12 5.09 3.58 2.76
CA SER A 12 4.98 3.27 4.24
C SER A 12 6.33 2.81 4.78
N ALA A 13 6.46 2.80 6.08
CA ALA A 13 7.74 2.37 6.74
C ALA A 13 7.67 1.10 7.62
N ASP A 14 6.79 0.20 7.27
CA ASP A 14 6.64 -1.08 8.04
C ASP A 14 6.62 -2.23 7.02
N SER A 15 5.70 -2.08 6.11
CA SER A 15 5.40 -3.00 4.95
C SER A 15 3.95 -3.46 5.15
N SER A 16 3.68 -4.00 6.32
CA SER A 16 2.30 -4.49 6.64
C SER A 16 1.35 -3.31 6.41
N ASN A 17 1.82 -2.17 6.83
CA ASN A 17 1.06 -0.90 6.69
C ASN A 17 0.73 -0.69 5.19
N LEU A 18 1.75 -0.75 4.38
CA LEU A 18 1.56 -0.57 2.90
C LEU A 18 0.56 -1.61 2.34
N LYS A 19 0.68 -2.85 2.72
CA LYS A 19 -0.28 -3.88 2.20
C LYS A 19 -1.70 -3.39 2.49
N THR A 20 -1.94 -3.00 3.72
CA THR A 20 -3.30 -2.49 4.11
C THR A 20 -3.68 -1.39 3.12
N HIS A 21 -2.83 -0.38 3.01
CA HIS A 21 -3.09 0.76 2.07
C HIS A 21 -3.62 0.21 0.72
N ILE A 22 -2.85 -0.64 0.08
CA ILE A 22 -3.25 -1.26 -1.23
C ILE A 22 -4.62 -1.95 -1.14
N LYS A 23 -4.80 -2.75 -0.12
CA LYS A 23 -6.07 -3.50 0.14
C LYS A 23 -7.29 -2.62 0.49
N THR A 24 -7.03 -1.41 0.91
CA THR A 24 -8.13 -0.47 1.30
C THR A 24 -8.45 0.60 0.23
N LYS A 25 -7.47 0.96 -0.54
CA LYS A 25 -7.68 2.00 -1.60
C LYS A 25 -7.61 1.52 -3.04
N HIS A 26 -7.02 0.38 -3.29
CA HIS A 26 -6.93 -0.12 -4.71
C HIS A 26 -7.54 -1.51 -4.99
N SER A 27 -7.10 -2.49 -4.22
CA SER A 27 -7.57 -3.90 -4.36
C SER A 27 -8.32 -4.42 -3.11
N LYS A 28 -8.55 -5.70 -3.09
CA LYS A 28 -9.26 -6.43 -1.99
C LYS A 28 -8.30 -7.42 -1.28
N GLU A 29 -7.16 -7.71 -1.87
CA GLU A 29 -6.15 -8.66 -1.25
C GLU A 29 -4.69 -8.18 -1.25
N LYS A 30 -3.92 -8.82 -0.40
CA LYS A 30 -2.47 -8.54 -0.23
C LYS A 30 -1.74 -9.87 0.04
ZN ZN B . -1.56 3.33 -3.31
N LYS A 1 11.91 -1.35 6.83
CA LYS A 1 12.63 -0.77 5.66
C LYS A 1 11.65 0.07 4.83
N THR A 2 12.06 0.63 3.71
CA THR A 2 11.08 1.45 2.91
C THR A 2 10.49 0.67 1.74
N TYR A 3 9.23 0.93 1.51
CA TYR A 3 8.47 0.25 0.41
C TYR A 3 7.64 1.29 -0.40
N GLN A 4 7.29 0.98 -1.62
CA GLN A 4 6.48 1.90 -2.51
C GLN A 4 5.17 1.20 -2.92
N CYS A 5 4.18 2.00 -3.25
CA CYS A 5 2.85 1.41 -3.66
C CYS A 5 2.89 1.25 -5.18
N GLN A 6 2.30 0.17 -5.63
CA GLN A 6 2.25 -0.16 -7.10
C GLN A 6 0.89 0.24 -7.68
N TYR A 7 0.41 1.42 -7.30
CA TYR A 7 -0.92 1.90 -7.81
C TYR A 7 -0.99 3.41 -7.97
N CYS A 8 -0.82 4.07 -6.86
CA CYS A 8 -0.84 5.57 -6.78
C CYS A 8 0.58 5.97 -6.34
N GLU A 9 0.75 6.60 -5.21
CA GLU A 9 2.13 7.00 -4.76
C GLU A 9 2.47 6.38 -3.38
N TYR A 10 1.64 6.69 -2.40
CA TYR A 10 1.78 6.22 -0.98
C TYR A 10 2.87 5.15 -0.67
N ARG A 11 3.83 5.56 0.11
CA ARG A 11 4.95 4.65 0.51
C ARG A 11 4.85 4.49 2.04
N SER A 12 5.47 3.46 2.56
CA SER A 12 5.42 3.21 4.04
C SER A 12 6.82 2.79 4.50
N ALA A 13 6.92 2.61 5.80
CA ALA A 13 8.20 2.18 6.45
C ALA A 13 8.01 0.78 7.03
N ASP A 14 6.77 0.51 7.33
CA ASP A 14 6.36 -0.80 7.91
C ASP A 14 5.36 -1.50 6.96
N SER A 15 5.88 -2.48 6.26
CA SER A 15 5.13 -3.33 5.27
C SER A 15 3.63 -3.49 5.55
N SER A 16 3.27 -4.01 6.69
CA SER A 16 1.82 -4.20 7.06
C SER A 16 0.97 -3.00 6.68
N ASN A 17 1.43 -1.84 7.12
CA ASN A 17 0.70 -0.57 6.83
C ASN A 17 0.50 -0.45 5.31
N LEU A 18 1.53 -0.78 4.57
CA LEU A 18 1.43 -0.70 3.07
C LEU A 18 0.41 -1.74 2.58
N LYS A 19 0.49 -2.95 3.06
CA LYS A 19 -0.48 -4.03 2.63
C LYS A 19 -1.89 -3.45 2.73
N THR A 20 -2.19 -2.95 3.91
CA THR A 20 -3.53 -2.34 4.17
C THR A 20 -3.84 -1.34 3.06
N HIS A 21 -3.00 -0.33 2.96
CA HIS A 21 -3.18 0.73 1.91
C HIS A 21 -3.61 0.05 0.59
N ILE A 22 -2.78 -0.81 0.09
CA ILE A 22 -3.09 -1.52 -1.18
C ILE A 22 -4.47 -2.23 -1.18
N LYS A 23 -4.80 -2.91 -0.12
CA LYS A 23 -6.13 -3.63 -0.09
C LYS A 23 -7.31 -2.78 0.40
N THR A 24 -7.04 -1.55 0.73
CA THR A 24 -8.08 -0.59 1.22
C THR A 24 -8.39 0.47 0.16
N LYS A 25 -7.33 0.89 -0.48
CA LYS A 25 -7.38 1.92 -1.56
C LYS A 25 -7.45 1.25 -2.93
N HIS A 26 -6.64 0.24 -3.10
CA HIS A 26 -6.61 -0.49 -4.41
C HIS A 26 -7.15 -1.93 -4.25
N SER A 27 -8.37 -1.95 -3.75
CA SER A 27 -9.18 -3.20 -3.48
C SER A 27 -8.57 -4.55 -3.92
N LYS A 28 -7.65 -5.01 -3.11
CA LYS A 28 -6.89 -6.31 -3.29
C LYS A 28 -6.34 -6.65 -4.69
N GLU A 29 -5.53 -7.70 -4.73
CA GLU A 29 -4.92 -8.16 -6.02
C GLU A 29 -5.42 -9.56 -6.40
N LYS A 30 -5.08 -10.53 -5.58
CA LYS A 30 -5.51 -11.95 -5.81
C LYS A 30 -6.63 -12.30 -4.82
ZN ZN B . -1.65 3.46 -3.32
#